data_5HSM
#
_entry.id   5HSM
#
_cell.length_a   53.540
_cell.length_b   71.290
_cell.length_c   72.880
_cell.angle_alpha   90.00
_cell.angle_beta   90.00
_cell.angle_gamma   90.00
#
_symmetry.space_group_name_H-M   'C 2 2 21'
#
loop_
_entity.id
_entity.type
_entity.pdbx_description
1 polymer 'Uncharacterized HTH-type transcriptional regulator Rv2887'
2 non-polymer 'SULFATE ION'
3 water water
#
_entity_poly.entity_id   1
_entity_poly.type   'polypeptide(L)'
_entity_poly.pdbx_seq_one_letter_code
;MGSSHHHHHHSSGLVPRGSHMMGLADDAPLGYLLYRVGAVLRPEVSAALSPLGLTLPEFVCLRMLSQSPGLSSAELARHA
SVTPQAMNTVLRKLEDAGAVARPASVSSGRSLPATLTARGRALAKRAEAVVRAADARVLARLTAPQQREFKRMLEKLGSD
;
_entity_poly.pdbx_strand_id   A
#
loop_
_chem_comp.id
_chem_comp.type
_chem_comp.name
_chem_comp.formula
SO4 non-polymer 'SULFATE ION' 'O4 S -2'
#
# COMPACT_ATOMS: atom_id res chain seq x y z
N MET A 22 12.98 -9.81 5.34
CA MET A 22 13.00 -9.48 6.76
C MET A 22 12.42 -10.60 7.61
N GLY A 23 11.38 -11.24 7.11
CA GLY A 23 10.81 -12.41 7.77
C GLY A 23 11.76 -13.58 7.62
N LEU A 24 12.52 -13.58 6.53
CA LEU A 24 13.56 -14.57 6.31
C LEU A 24 14.78 -14.24 7.18
N ALA A 25 14.96 -12.95 7.45
CA ALA A 25 16.15 -12.47 8.17
C ALA A 25 16.08 -12.75 9.67
N ASP A 26 15.01 -12.29 10.32
CA ASP A 26 14.89 -12.45 11.76
C ASP A 26 13.71 -13.35 12.10
N ASP A 27 14.02 -14.60 12.44
CA ASP A 27 13.01 -15.58 12.81
C ASP A 27 12.91 -15.76 14.33
N ALA A 28 13.60 -14.90 15.08
CA ALA A 28 13.44 -14.86 16.53
C ALA A 28 12.04 -14.28 16.83
N PRO A 29 11.59 -14.35 18.10
CA PRO A 29 10.15 -14.12 18.30
C PRO A 29 9.59 -12.76 17.88
N LEU A 30 10.28 -11.67 18.13
CA LEU A 30 9.69 -10.39 17.76
C LEU A 30 9.54 -10.29 16.24
N GLY A 31 10.63 -10.54 15.51
CA GLY A 31 10.61 -10.45 14.06
C GLY A 31 9.62 -11.44 13.44
N TYR A 32 9.56 -12.63 14.00
CA TYR A 32 8.61 -13.64 13.50
C TYR A 32 7.15 -13.21 13.71
N LEU A 33 6.83 -12.77 14.92
CA LEU A 33 5.45 -12.36 15.25
C LEU A 33 5.05 -11.12 14.43
N LEU A 34 5.99 -10.19 14.26
CA LEU A 34 5.73 -9.02 13.42
C LEU A 34 5.42 -9.46 12.00
N TYR A 35 6.22 -10.42 11.53
CA TYR A 35 6.04 -10.96 10.18
C TYR A 35 4.65 -11.55 10.02
N ARG A 36 4.24 -12.36 11.00
CA ARG A 36 2.92 -13.00 10.93
C ARG A 36 1.77 -11.98 10.91
N VAL A 37 1.85 -10.93 11.72
CA VAL A 37 0.83 -9.87 11.64
C VAL A 37 0.84 -9.21 10.27
N GLY A 38 2.04 -9.02 9.72
CA GLY A 38 2.16 -8.51 8.36
C GLY A 38 1.48 -9.42 7.35
N ALA A 39 1.57 -10.73 7.57
CA ALA A 39 1.01 -11.71 6.64
C ALA A 39 -0.49 -11.86 6.82
N VAL A 40 -1.03 -11.25 7.87
CA VAL A 40 -2.48 -11.10 7.98
C VAL A 40 -2.95 -9.78 7.36
N LEU A 41 -2.20 -8.71 7.63
CA LEU A 41 -2.56 -7.37 7.15
C LEU A 41 -2.48 -7.26 5.63
N ARG A 42 -1.47 -7.87 5.03
CA ARG A 42 -1.30 -7.74 3.58
C ARG A 42 -2.48 -8.34 2.81
N PRO A 43 -2.89 -9.58 3.14
CA PRO A 43 -4.08 -10.09 2.46
C PRO A 43 -5.35 -9.32 2.78
N GLU A 44 -5.48 -8.77 3.98
CA GLU A 44 -6.66 -7.98 4.32
C GLU A 44 -6.75 -6.76 3.41
N VAL A 45 -5.62 -6.08 3.24
CA VAL A 45 -5.54 -4.90 2.37
C VAL A 45 -5.76 -5.25 0.90
N SER A 46 -5.09 -6.30 0.44
CA SER A 46 -5.29 -6.80 -0.92
C SER A 46 -6.78 -7.14 -1.20
N ALA A 47 -7.42 -7.84 -0.26
CA ALA A 47 -8.82 -8.22 -0.42
C ALA A 47 -9.73 -6.99 -0.45
N ALA A 48 -9.38 -5.98 0.34
CA ALA A 48 -10.15 -4.74 0.35
C ALA A 48 -10.01 -3.96 -0.97
N LEU A 49 -8.83 -4.05 -1.57
CA LEU A 49 -8.57 -3.34 -2.83
C LEU A 49 -9.15 -4.05 -4.05
N SER A 50 -9.28 -5.37 -3.96
CA SER A 50 -9.71 -6.14 -5.12
C SER A 50 -11.01 -5.64 -5.79
N PRO A 51 -12.08 -5.35 -5.01
CA PRO A 51 -13.30 -4.89 -5.68
C PRO A 51 -13.15 -3.57 -6.43
N LEU A 52 -12.09 -2.83 -6.11
CA LEU A 52 -11.80 -1.57 -6.77
C LEU A 52 -10.92 -1.79 -8.01
N GLY A 53 -10.60 -3.03 -8.29
CA GLY A 53 -9.79 -3.39 -9.45
C GLY A 53 -8.32 -3.05 -9.25
N LEU A 54 -7.87 -3.02 -8.00
CA LEU A 54 -6.49 -2.68 -7.68
C LEU A 54 -5.77 -3.80 -6.97
N THR A 55 -4.52 -4.03 -7.37
CA THR A 55 -3.59 -4.81 -6.56
C THR A 55 -2.90 -3.89 -5.58
N LEU A 56 -2.22 -4.48 -4.61
CA LEU A 56 -1.47 -3.67 -3.66
C LEU A 56 -0.39 -2.78 -4.33
N PRO A 57 0.44 -3.35 -5.23
CA PRO A 57 1.43 -2.48 -5.88
C PRO A 57 0.81 -1.36 -6.73
N GLU A 58 -0.31 -1.65 -7.39
CA GLU A 58 -1.03 -0.63 -8.13
C GLU A 58 -1.51 0.49 -7.22
N PHE A 59 -2.06 0.11 -6.07
CA PHE A 59 -2.46 1.12 -5.09
C PHE A 59 -1.28 1.97 -4.61
N VAL A 60 -0.18 1.32 -4.29
CA VAL A 60 1.02 2.06 -3.85
C VAL A 60 1.46 3.10 -4.90
N CYS A 61 1.53 2.68 -6.16
CA CYS A 61 1.83 3.59 -7.26
C CYS A 61 0.84 4.75 -7.37
N LEU A 62 -0.44 4.41 -7.41
CA LEU A 62 -1.52 5.39 -7.41
C LEU A 62 -1.39 6.44 -6.30
N ARG A 63 -1.13 5.99 -5.09
CA ARG A 63 -1.02 6.87 -3.94
C ARG A 63 0.20 7.79 -4.08
N MET A 64 1.32 7.22 -4.53
CA MET A 64 2.53 8.00 -4.74
C MET A 64 2.32 9.11 -5.76
N LEU A 65 1.64 8.78 -6.86
CA LEU A 65 1.33 9.76 -7.89
C LEU A 65 0.27 10.79 -7.47
N SER A 66 -0.63 10.43 -6.57
CA SER A 66 -1.57 11.43 -6.08
C SER A 66 -0.84 12.40 -5.18
N GLN A 67 0.18 11.92 -4.47
CA GLN A 67 0.94 12.81 -3.59
C GLN A 67 2.09 13.55 -4.30
N SER A 68 2.45 13.08 -5.48
CA SER A 68 3.57 13.68 -6.21
C SER A 68 3.40 13.56 -7.72
N PRO A 69 2.48 14.36 -8.30
CA PRO A 69 2.23 14.28 -9.74
C PRO A 69 3.50 14.51 -10.58
N GLY A 70 3.66 13.75 -11.65
CA GLY A 70 4.76 13.96 -12.57
C GLY A 70 6.02 13.17 -12.30
N LEU A 71 6.03 12.37 -11.23
CA LEU A 71 7.16 11.47 -10.98
C LEU A 71 7.34 10.50 -12.12
N SER A 72 8.58 10.21 -12.47
CA SER A 72 8.86 9.22 -13.50
C SER A 72 8.77 7.81 -12.95
N SER A 73 8.68 6.85 -13.87
CA SER A 73 8.59 5.45 -13.50
C SER A 73 9.78 5.02 -12.64
N ALA A 74 10.98 5.50 -13.00
CA ALA A 74 12.18 5.13 -12.26
C ALA A 74 12.08 5.67 -10.84
N GLU A 75 11.61 6.90 -10.72
CA GLU A 75 11.46 7.53 -9.42
C GLU A 75 10.52 6.74 -8.52
N LEU A 76 9.37 6.43 -9.09
CA LEU A 76 8.35 5.63 -8.42
C LEU A 76 8.90 4.28 -7.99
N ALA A 77 9.66 3.65 -8.89
CA ALA A 77 10.23 2.33 -8.65
C ALA A 77 11.23 2.36 -7.51
N ARG A 78 12.01 3.44 -7.43
CA ARG A 78 12.97 3.60 -6.34
C ARG A 78 12.27 3.87 -5.02
N HIS A 79 11.21 4.68 -5.03
CA HIS A 79 10.50 4.95 -3.78
C HIS A 79 9.74 3.73 -3.29
N ALA A 80 9.28 2.88 -4.20
CA ALA A 80 8.56 1.68 -3.81
C ALA A 80 9.49 0.52 -3.57
N SER A 81 10.79 0.73 -3.77
CA SER A 81 11.78 -0.33 -3.68
C SER A 81 11.38 -1.51 -4.56
N VAL A 82 11.11 -1.23 -5.83
CA VAL A 82 10.79 -2.27 -6.77
C VAL A 82 11.61 -2.00 -8.03
N THR A 83 11.60 -2.93 -8.97
CA THR A 83 12.35 -2.74 -10.20
C THR A 83 11.60 -1.81 -11.14
N PRO A 84 12.33 -1.02 -11.94
CA PRO A 84 11.73 -0.17 -12.97
C PRO A 84 10.77 -0.95 -13.88
N GLN A 85 11.08 -2.21 -14.15
CA GLN A 85 10.24 -3.03 -15.02
C GLN A 85 8.89 -3.32 -14.38
N ALA A 86 8.93 -3.67 -13.09
CA ALA A 86 7.72 -3.97 -12.33
C ALA A 86 6.85 -2.71 -12.22
N MET A 87 7.50 -1.57 -12.01
CA MET A 87 6.75 -0.32 -11.92
C MET A 87 6.13 0.02 -13.27
N ASN A 88 6.87 -0.21 -14.35
CA ASN A 88 6.34 0.00 -15.70
C ASN A 88 5.09 -0.83 -15.91
N THR A 89 5.13 -2.08 -15.48
CA THR A 89 3.95 -2.94 -15.56
C THR A 89 2.76 -2.40 -14.76
N VAL A 90 3.03 -1.98 -13.53
CA VAL A 90 1.99 -1.41 -12.69
C VAL A 90 1.36 -0.19 -13.35
N LEU A 91 2.22 0.68 -13.88
CA LEU A 91 1.78 1.86 -14.58
C LEU A 91 0.95 1.54 -15.82
N ARG A 92 1.34 0.51 -16.56
CA ARG A 92 0.58 0.09 -17.72
C ARG A 92 -0.81 -0.37 -17.31
N LYS A 93 -0.89 -1.21 -16.29
CA LYS A 93 -2.20 -1.67 -15.83
C LYS A 93 -3.07 -0.51 -15.33
N LEU A 94 -2.46 0.49 -14.69
CA LEU A 94 -3.22 1.66 -14.23
C LEU A 94 -3.67 2.52 -15.40
N GLU A 95 -2.86 2.63 -16.45
CA GLU A 95 -3.28 3.35 -17.65
C GLU A 95 -4.48 2.64 -18.26
N ASP A 96 -4.39 1.31 -18.32
CA ASP A 96 -5.47 0.48 -18.87
C ASP A 96 -6.79 0.73 -18.17
N ALA A 97 -6.74 1.02 -16.88
CA ALA A 97 -7.95 1.25 -16.09
C ALA A 97 -8.38 2.72 -16.14
N GLY A 98 -7.65 3.53 -16.91
CA GLY A 98 -7.98 4.94 -17.06
C GLY A 98 -7.69 5.79 -15.84
N ALA A 99 -6.85 5.25 -14.95
CA ALA A 99 -6.51 5.93 -13.70
C ALA A 99 -5.23 6.76 -13.85
N VAL A 100 -4.32 6.29 -14.70
CA VAL A 100 -3.09 7.00 -14.99
C VAL A 100 -3.13 7.49 -16.42
N ALA A 101 -2.78 8.75 -16.65
CA ALA A 101 -2.92 9.37 -17.96
C ALA A 101 -1.94 8.77 -18.98
N ARG A 102 -2.31 8.81 -20.26
CA ARG A 102 -1.49 8.22 -21.32
C ARG A 102 -0.18 9.01 -21.49
N PRO A 103 0.95 8.32 -21.43
CA PRO A 103 2.29 8.91 -21.36
C PRO A 103 2.69 9.75 -22.56
N SER A 111 11.53 5.25 -19.17
CA SER A 111 11.05 5.88 -17.94
C SER A 111 10.46 7.27 -18.18
N LEU A 112 9.13 7.33 -18.25
CA LEU A 112 8.40 8.56 -18.53
C LEU A 112 7.74 9.14 -17.29
N PRO A 113 7.46 10.45 -17.29
CA PRO A 113 6.66 11.05 -16.22
C PRO A 113 5.24 10.49 -16.24
N ALA A 114 4.58 10.43 -15.09
CA ALA A 114 3.20 9.93 -15.04
C ALA A 114 2.33 10.81 -14.16
N THR A 115 1.05 10.86 -14.51
CA THR A 115 0.07 11.65 -13.76
C THR A 115 -1.23 10.89 -13.64
N LEU A 116 -2.02 11.28 -12.66
CA LEU A 116 -3.36 10.71 -12.51
C LEU A 116 -4.38 11.49 -13.33
N THR A 117 -5.40 10.78 -13.80
CA THR A 117 -6.59 11.38 -14.41
C THR A 117 -7.56 11.76 -13.31
N ALA A 118 -8.68 12.39 -13.67
CA ALA A 118 -9.74 12.62 -12.69
C ALA A 118 -10.19 11.30 -12.04
N ARG A 119 -10.38 10.28 -12.87
CA ARG A 119 -10.76 8.96 -12.38
C ARG A 119 -9.70 8.40 -11.44
N GLY A 120 -8.44 8.59 -11.80
CA GLY A 120 -7.34 8.17 -10.95
C GLY A 120 -7.30 8.84 -9.59
N ARG A 121 -7.57 10.14 -9.54
CA ARG A 121 -7.52 10.87 -8.28
C ARG A 121 -8.68 10.41 -7.40
N ALA A 122 -9.84 10.21 -8.03
CA ALA A 122 -11.00 9.76 -7.29
C ALA A 122 -10.73 8.38 -6.70
N LEU A 123 -10.15 7.51 -7.53
CA LEU A 123 -9.84 6.13 -7.15
C LEU A 123 -8.81 6.11 -6.04
N ALA A 124 -7.84 7.01 -6.11
CA ALA A 124 -6.79 7.04 -5.11
C ALA A 124 -7.42 7.33 -3.76
N LYS A 125 -8.38 8.26 -3.75
CA LYS A 125 -8.97 8.58 -2.45
C LYS A 125 -9.90 7.47 -1.94
N ARG A 126 -10.72 6.88 -2.82
CA ARG A 126 -11.57 5.77 -2.40
C ARG A 126 -10.73 4.60 -1.86
N ALA A 127 -9.62 4.33 -2.54
CA ALA A 127 -8.74 3.22 -2.17
C ALA A 127 -8.07 3.48 -0.83
N GLU A 128 -7.61 4.71 -0.61
CA GLU A 128 -7.01 5.01 0.69
C GLU A 128 -8.04 4.75 1.78
N ALA A 129 -9.28 5.14 1.53
CA ALA A 129 -10.33 4.89 2.51
C ALA A 129 -10.53 3.39 2.82
N VAL A 130 -10.61 2.55 1.77
CA VAL A 130 -10.81 1.12 2.06
C VAL A 130 -9.58 0.50 2.77
N VAL A 131 -8.39 1.02 2.50
CA VAL A 131 -7.20 0.52 3.19
C VAL A 131 -7.22 0.90 4.68
N ARG A 132 -7.62 2.14 5.00
CA ARG A 132 -7.75 2.52 6.40
C ARG A 132 -8.78 1.65 7.12
N ALA A 133 -9.86 1.31 6.40
CA ALA A 133 -10.87 0.44 6.99
C ALA A 133 -10.31 -0.96 7.23
N ALA A 134 -9.52 -1.48 6.29
CA ALA A 134 -8.87 -2.80 6.48
C ALA A 134 -8.00 -2.83 7.73
N ASP A 135 -7.24 -1.76 7.88
CA ASP A 135 -6.37 -1.60 9.06
C ASP A 135 -7.18 -1.70 10.35
N ALA A 136 -8.28 -0.96 10.39
CA ALA A 136 -9.15 -0.98 11.56
C ALA A 136 -9.74 -2.37 11.81
N ARG A 137 -10.07 -3.09 10.74
CA ARG A 137 -10.64 -4.43 10.89
C ARG A 137 -9.64 -5.38 11.55
N VAL A 138 -8.37 -5.26 11.18
CA VAL A 138 -7.37 -6.11 11.87
C VAL A 138 -7.18 -5.70 13.33
N LEU A 139 -7.02 -4.40 13.57
CA LEU A 139 -6.90 -3.91 14.94
C LEU A 139 -8.07 -4.33 15.85
N ALA A 140 -9.28 -4.38 15.30
CA ALA A 140 -10.47 -4.66 16.11
C ALA A 140 -10.57 -6.11 16.60
N ARG A 141 -9.60 -6.93 16.23
CA ARG A 141 -9.45 -8.28 16.81
C ARG A 141 -9.14 -8.16 18.30
N LEU A 142 -8.60 -7.01 18.70
CA LEU A 142 -8.33 -6.74 20.10
C LEU A 142 -9.43 -5.88 20.70
N THR A 143 -9.66 -6.02 22.00
CA THR A 143 -10.60 -5.14 22.71
C THR A 143 -10.06 -3.71 22.67
N ALA A 144 -10.93 -2.72 22.88
CA ALA A 144 -10.48 -1.32 22.88
C ALA A 144 -9.31 -1.00 23.84
N PRO A 145 -9.40 -1.44 25.11
CA PRO A 145 -8.24 -1.20 25.99
C PRO A 145 -6.99 -1.89 25.50
N GLN A 146 -7.15 -3.11 24.98
CA GLN A 146 -6.03 -3.84 24.43
C GLN A 146 -5.42 -3.09 23.25
N GLN A 147 -6.26 -2.50 22.41
CA GLN A 147 -5.78 -1.70 21.29
C GLN A 147 -4.95 -0.51 21.75
N ARG A 148 -5.42 0.17 22.79
CA ARG A 148 -4.64 1.32 23.28
C ARG A 148 -3.29 0.86 23.83
N GLU A 149 -3.32 -0.21 24.63
CA GLU A 149 -2.09 -0.72 25.21
C GLU A 149 -1.11 -1.17 24.13
N PHE A 150 -1.63 -1.91 23.15
CA PHE A 150 -0.84 -2.46 22.06
C PHE A 150 -0.19 -1.37 21.24
N LYS A 151 -0.96 -0.32 20.93
CA LYS A 151 -0.39 0.78 20.18
C LYS A 151 0.69 1.50 20.95
N ARG A 152 0.50 1.64 22.26
CA ARG A 152 1.54 2.29 23.06
C ARG A 152 2.83 1.46 23.03
N MET A 153 2.68 0.14 23.11
CA MET A 153 3.87 -0.70 23.11
C MET A 153 4.58 -0.73 21.76
N LEU A 154 3.80 -0.84 20.67
CA LEU A 154 4.35 -0.66 19.32
C LEU A 154 5.09 0.67 19.20
N GLU A 155 4.46 1.72 19.70
CA GLU A 155 5.07 3.04 19.60
C GLU A 155 6.41 3.06 20.30
N LYS A 156 6.44 2.47 21.49
CA LYS A 156 7.67 2.46 22.27
C LYS A 156 8.76 1.69 21.52
N LEU A 157 8.40 0.54 20.95
CA LEU A 157 9.40 -0.27 20.26
C LEU A 157 9.92 0.42 19.00
N GLY A 158 9.12 1.33 18.46
CA GLY A 158 9.43 1.95 17.18
C GLY A 158 9.98 3.34 17.29
N SER A 159 10.18 3.80 18.53
CA SER A 159 10.58 5.17 18.79
C SER A 159 12.07 5.26 19.06
S SO4 B . -5.77 2.87 29.13
O1 SO4 B . -5.44 2.70 27.72
O2 SO4 B . -7.07 2.25 29.39
O3 SO4 B . -4.75 2.24 29.96
O4 SO4 B . -5.85 4.31 29.43
S SO4 C . -10.86 16.54 -9.29
O1 SO4 C . -11.52 15.39 -8.73
O2 SO4 C . -11.23 16.67 -10.70
O3 SO4 C . -9.41 16.40 -9.15
O4 SO4 C . -11.27 17.75 -8.56
#